data_5U06
#
_entry.id   5U06
#
_cell.length_a   47.980
_cell.length_b   109.741
_cell.length_c   48.330
_cell.angle_alpha   90.00
_cell.angle_beta   103.44
_cell.angle_gamma   90.00
#
_symmetry.space_group_name_H-M   'P 1 21 1'
#
loop_
_entity.id
_entity.type
_entity.pdbx_description
1 polymer 'Growth factor receptor-bound protein 7'
2 polymer 'bicyclic peptide inhibitor: LYS-PHE-GLU-GLY-CMF-ASP-ASN-GLU-CST'
3 non-polymer 'POTASSIUM ION'
4 water water
#
loop_
_entity_poly.entity_id
_entity_poly.type
_entity_poly.pdbx_seq_one_letter_code
_entity_poly.pdbx_strand_id
1 'polypeptide(L)'
;GSPASGTSLSAAIHRTQLWFHGRISREESQRLIGQQGLVDGLFLVRESQRNPQGFVLSLCHLQKVKHYLILPSEEEGRLY
FSMDDGQTRFTDLLQLVEFHQLNRGILPCLLRHCCTRVAL
;
A,B,C,D
2 'polypeptide(L)' KFEG(1PA)DNE(48V) L,M,N,P
#
loop_
_chem_comp.id
_chem_comp.type
_chem_comp.name
_chem_comp.formula
48V peptide-like '{[(2R)-2,3-diamino-3-oxopropyl]sulfanyl}acetic acid' 'C5 H10 N2 O3 S'
K non-polymer 'POTASSIUM ION' 'K 1'
#
# COMPACT_ATOMS: atom_id res chain seq x y z
N HIS A 14 -5.75 -4.09 -28.38
CA HIS A 14 -6.62 -4.98 -27.62
C HIS A 14 -7.51 -5.80 -28.54
N ARG A 15 -7.76 -5.26 -29.75
CA ARG A 15 -8.63 -5.93 -30.71
C ARG A 15 -8.02 -7.22 -31.24
N THR A 16 -6.69 -7.34 -31.23
CA THR A 16 -5.98 -8.50 -31.74
C THR A 16 -5.72 -9.56 -30.67
N GLN A 17 -6.32 -9.41 -29.49
CA GLN A 17 -6.16 -10.32 -28.37
C GLN A 17 -7.23 -11.41 -28.35
N LEU A 18 -6.86 -12.57 -27.77
CA LEU A 18 -7.74 -13.73 -27.72
C LEU A 18 -8.90 -13.56 -26.75
N TRP A 19 -8.73 -12.74 -25.71
CA TRP A 19 -9.76 -12.54 -24.69
C TRP A 19 -10.74 -11.44 -25.00
N PHE A 20 -10.54 -10.68 -26.08
CA PHE A 20 -11.44 -9.57 -26.41
C PHE A 20 -12.52 -10.05 -27.36
N HIS A 21 -13.78 -9.82 -26.97
CA HIS A 21 -14.94 -10.33 -27.70
C HIS A 21 -15.78 -9.22 -28.31
N GLY A 22 -15.31 -7.97 -28.26
CA GLY A 22 -16.04 -6.89 -28.91
C GLY A 22 -17.26 -6.44 -28.13
N ARG A 23 -18.32 -6.12 -28.87
CA ARG A 23 -19.54 -5.57 -28.30
C ARG A 23 -20.60 -6.64 -28.06
N ILE A 24 -20.25 -7.69 -27.32
CA ILE A 24 -21.23 -8.68 -26.90
C ILE A 24 -21.90 -8.21 -25.61
N SER A 25 -23.06 -8.81 -25.33
CA SER A 25 -23.86 -8.39 -24.21
C SER A 25 -23.37 -9.03 -22.91
N ARG A 26 -23.90 -8.52 -21.79
CA ARG A 26 -23.53 -9.07 -20.48
C ARG A 26 -23.97 -10.52 -20.35
N GLU A 27 -25.17 -10.84 -20.82
CA GLU A 27 -25.64 -12.23 -20.77
C GLU A 27 -24.88 -13.09 -21.77
N GLU A 28 -24.46 -12.46 -22.86
CA GLU A 28 -23.68 -13.16 -23.87
C GLU A 28 -22.35 -13.57 -23.23
N SER A 29 -21.80 -12.69 -22.39
CA SER A 29 -20.54 -12.99 -21.71
C SER A 29 -20.71 -14.09 -20.68
N GLN A 30 -21.84 -14.09 -19.96
CA GLN A 30 -22.11 -15.15 -18.99
C GLN A 30 -22.39 -16.49 -19.66
N ARG A 31 -22.93 -16.49 -20.88
CA ARG A 31 -23.19 -17.75 -21.58
C ARG A 31 -21.90 -18.36 -22.11
N LEU A 32 -21.00 -17.52 -22.64
CA LEU A 32 -19.73 -18.03 -23.15
C LEU A 32 -18.86 -18.60 -22.04
N ILE A 33 -18.82 -17.95 -20.87
CA ILE A 33 -18.00 -18.42 -19.78
C ILE A 33 -18.52 -19.74 -19.24
N GLY A 34 -19.83 -19.87 -19.10
CA GLY A 34 -20.40 -21.12 -18.65
C GLY A 34 -20.25 -22.24 -19.67
N GLN A 35 -20.25 -21.88 -20.96
CA GLN A 35 -20.08 -22.87 -22.01
C GLN A 35 -18.67 -23.45 -22.01
N GLN A 36 -17.69 -22.68 -21.53
CA GLN A 36 -16.31 -23.16 -21.48
C GLN A 36 -15.94 -23.79 -20.15
N GLY A 37 -16.74 -23.56 -19.11
CA GLY A 37 -16.45 -24.10 -17.79
C GLY A 37 -16.16 -23.08 -16.69
N LEU A 38 -16.98 -23.13 -15.64
CA LEU A 38 -16.93 -22.18 -14.52
C LEU A 38 -15.68 -22.41 -13.68
N VAL A 39 -14.52 -22.16 -14.29
CA VAL A 39 -13.22 -22.28 -13.64
C VAL A 39 -12.80 -20.93 -13.09
N ASP A 40 -12.19 -20.94 -11.91
CA ASP A 40 -11.65 -19.72 -11.32
C ASP A 40 -10.55 -19.16 -12.21
N GLY A 41 -10.68 -17.89 -12.57
CA GLY A 41 -9.71 -17.24 -13.41
C GLY A 41 -10.14 -17.05 -14.86
N LEU A 42 -11.23 -17.70 -15.28
CA LEU A 42 -11.71 -17.56 -16.64
C LEU A 42 -12.31 -16.18 -16.84
N PHE A 43 -11.93 -15.51 -17.92
CA PHE A 43 -12.27 -14.10 -18.10
C PHE A 43 -12.40 -13.75 -19.57
N LEU A 44 -13.04 -12.61 -19.83
CA LEU A 44 -13.04 -11.97 -21.15
C LEU A 44 -13.20 -10.47 -20.95
N VAL A 45 -12.88 -9.70 -21.98
CA VAL A 45 -13.08 -8.26 -21.99
C VAL A 45 -14.02 -7.91 -23.15
N ARG A 46 -15.02 -7.09 -22.86
CA ARG A 46 -16.02 -6.71 -23.85
C ARG A 46 -16.26 -5.22 -23.83
N GLU A 47 -16.72 -4.69 -24.97
CA GLU A 47 -17.24 -3.33 -25.02
C GLU A 47 -18.62 -3.29 -24.38
N SER A 48 -18.83 -2.35 -23.47
CA SER A 48 -20.06 -2.29 -22.70
C SER A 48 -21.22 -1.78 -23.53
N GLN A 49 -22.35 -2.49 -23.43
CA GLN A 49 -23.56 -1.99 -24.11
C GLN A 49 -24.33 -0.96 -23.28
N ARG A 50 -24.27 -0.98 -21.96
CA ARG A 50 -24.83 0.06 -21.14
C ARG A 50 -24.03 1.38 -21.28
N ASN A 51 -22.70 1.36 -21.28
CA ASN A 51 -21.84 2.53 -21.42
C ASN A 51 -21.02 2.38 -22.71
N PRO A 52 -21.39 3.08 -23.78
CA PRO A 52 -20.68 2.90 -25.06
C PRO A 52 -19.22 3.32 -25.00
N GLN A 53 -18.86 4.17 -24.05
CA GLN A 53 -17.47 4.59 -23.91
C GLN A 53 -16.66 3.71 -22.96
N GLY A 54 -17.31 2.79 -22.24
CA GLY A 54 -16.63 1.93 -21.30
C GLY A 54 -16.47 0.50 -21.79
N PHE A 55 -15.71 -0.27 -21.02
CA PHE A 55 -15.49 -1.69 -21.27
C PHE A 55 -15.74 -2.45 -19.98
N VAL A 56 -15.82 -3.78 -20.09
CA VAL A 56 -16.13 -4.63 -18.94
C VAL A 56 -15.16 -5.80 -18.93
N LEU A 57 -14.60 -6.10 -17.77
CA LEU A 57 -13.84 -7.31 -17.54
C LEU A 57 -14.76 -8.30 -16.83
N SER A 58 -15.19 -9.33 -17.56
CA SER A 58 -16.09 -10.34 -17.02
C SER A 58 -15.25 -11.51 -16.53
N LEU A 59 -15.31 -11.78 -15.23
CA LEU A 59 -14.42 -12.76 -14.59
C LEU A 59 -15.25 -13.76 -13.83
N CYS A 60 -14.90 -15.03 -13.97
CA CYS A 60 -15.55 -16.10 -13.22
C CYS A 60 -14.75 -16.37 -11.96
N HIS A 61 -15.42 -16.34 -10.82
CA HIS A 61 -14.79 -16.65 -9.55
C HIS A 61 -15.82 -17.32 -8.67
N LEU A 62 -15.48 -18.52 -8.17
CA LEU A 62 -16.37 -19.30 -7.31
C LEU A 62 -17.66 -19.63 -8.05
N GLN A 63 -17.53 -20.04 -9.30
CA GLN A 63 -18.67 -20.39 -10.17
C GLN A 63 -19.69 -19.27 -10.29
N LYS A 64 -19.23 -18.03 -10.22
CA LYS A 64 -20.11 -16.88 -10.41
C LYS A 64 -19.37 -15.91 -11.31
N VAL A 65 -20.08 -15.39 -12.30
CA VAL A 65 -19.49 -14.45 -13.25
C VAL A 65 -19.64 -13.06 -12.70
N LYS A 66 -18.52 -12.39 -12.47
CA LYS A 66 -18.53 -11.03 -11.97
C LYS A 66 -18.09 -10.10 -13.09
N HIS A 67 -18.58 -8.87 -13.03
CA HIS A 67 -18.35 -7.88 -14.07
C HIS A 67 -17.73 -6.64 -13.43
N TYR A 68 -16.66 -6.15 -14.05
CA TYR A 68 -15.88 -5.02 -13.54
C TYR A 68 -15.82 -3.96 -14.62
N LEU A 69 -16.38 -2.78 -14.32
CA LEU A 69 -16.46 -1.71 -15.30
C LEU A 69 -15.11 -1.05 -15.50
N ILE A 70 -14.72 -0.89 -16.76
CA ILE A 70 -13.48 -0.21 -17.16
C ILE A 70 -13.89 1.09 -17.84
N LEU A 71 -13.57 2.21 -17.21
CA LEU A 71 -14.01 3.51 -17.68
C LEU A 71 -12.87 4.33 -18.25
N PRO A 72 -13.11 5.10 -19.30
CA PRO A 72 -12.08 6.00 -19.82
C PRO A 72 -12.06 7.28 -19.02
N SER A 73 -10.88 7.89 -18.96
CA SER A 73 -10.72 9.15 -18.24
C SER A 73 -9.61 9.96 -18.89
N GLU A 74 -9.46 11.21 -18.48
CA GLU A 74 -8.46 12.08 -19.08
C GLU A 74 -7.70 12.83 -18.01
N GLU A 75 -6.39 12.94 -18.20
CA GLU A 75 -5.50 13.71 -17.33
C GLU A 75 -4.54 14.47 -18.23
N GLU A 76 -4.84 15.75 -18.49
CA GLU A 76 -3.99 16.62 -19.29
C GLU A 76 -3.76 16.04 -20.69
N GLY A 77 -4.86 15.84 -21.42
CA GLY A 77 -4.78 15.40 -22.80
C GLY A 77 -4.27 13.99 -23.01
N ARG A 78 -4.16 13.18 -21.95
CA ARG A 78 -3.70 11.81 -22.03
C ARG A 78 -4.75 10.89 -21.45
N LEU A 79 -5.28 9.99 -22.28
CA LEU A 79 -6.38 9.11 -21.89
C LEU A 79 -5.84 7.89 -21.17
N TYR A 80 -6.55 7.45 -20.13
CA TYR A 80 -6.21 6.22 -19.43
C TYR A 80 -7.50 5.48 -19.06
N PHE A 81 -7.34 4.19 -18.74
CA PHE A 81 -8.45 3.35 -18.33
C PHE A 81 -8.23 2.88 -16.90
N SER A 82 -9.32 2.75 -16.14
CA SER A 82 -9.22 2.41 -14.73
C SER A 82 -10.48 1.68 -14.28
N MET A 83 -10.32 0.82 -13.28
CA MET A 83 -11.44 0.16 -12.63
C MET A 83 -11.67 0.66 -11.21
N ASP A 84 -10.92 1.66 -10.76
CA ASP A 84 -11.04 2.13 -9.37
C ASP A 84 -10.97 3.66 -9.30
N ASP A 85 -11.61 4.34 -10.25
CA ASP A 85 -11.70 5.81 -10.26
C ASP A 85 -10.32 6.46 -10.29
N GLY A 86 -9.37 5.86 -11.00
CA GLY A 86 -8.07 6.46 -11.20
C GLY A 86 -7.00 6.08 -10.20
N GLN A 87 -7.30 5.20 -9.24
CA GLN A 87 -6.27 4.75 -8.31
C GLN A 87 -5.23 3.89 -9.04
N THR A 88 -5.67 3.08 -9.99
CA THR A 88 -4.78 2.28 -10.84
C THR A 88 -5.11 2.56 -12.29
N ARG A 89 -4.13 3.05 -13.05
CA ARG A 89 -4.35 3.53 -14.40
C ARG A 89 -3.56 2.72 -15.42
N PHE A 90 -4.13 2.59 -16.62
CA PHE A 90 -3.52 1.85 -17.71
C PHE A 90 -3.73 2.59 -19.02
N THR A 91 -2.76 2.47 -19.93
CA THR A 91 -2.85 3.16 -21.20
C THR A 91 -3.89 2.52 -22.12
N ASP A 92 -3.96 1.18 -22.12
CA ASP A 92 -4.90 0.46 -22.95
C ASP A 92 -5.42 -0.75 -22.19
N LEU A 93 -6.28 -1.53 -22.83
CA LEU A 93 -6.84 -2.71 -22.18
C LEU A 93 -5.83 -3.84 -22.10
N LEU A 94 -4.90 -3.89 -23.05
CA LEU A 94 -3.86 -4.91 -23.02
C LEU A 94 -2.98 -4.78 -21.79
N GLN A 95 -2.65 -3.55 -21.40
CA GLN A 95 -1.85 -3.36 -20.19
C GLN A 95 -2.64 -3.73 -18.94
N LEU A 96 -3.95 -3.45 -18.93
CA LEU A 96 -4.78 -3.82 -17.79
C LEU A 96 -4.85 -5.33 -17.61
N VAL A 97 -5.04 -6.06 -18.71
CA VAL A 97 -5.17 -7.52 -18.62
C VAL A 97 -3.83 -8.14 -18.23
N GLU A 98 -2.75 -7.71 -18.90
CA GLU A 98 -1.43 -8.25 -18.62
C GLU A 98 -1.01 -8.01 -17.18
N PHE A 99 -1.38 -6.86 -16.62
CA PHE A 99 -1.05 -6.59 -15.21
C PHE A 99 -1.81 -7.53 -14.28
N HIS A 100 -3.10 -7.75 -14.53
CA HIS A 100 -3.93 -8.55 -13.64
C HIS A 100 -3.79 -10.04 -13.87
N GLN A 101 -3.02 -10.45 -14.88
CA GLN A 101 -2.63 -11.86 -14.99
C GLN A 101 -1.61 -12.26 -13.94
N LEU A 102 -0.90 -11.29 -13.36
CA LEU A 102 0.08 -11.55 -12.32
C LEU A 102 -0.28 -10.95 -10.98
N ASN A 103 -1.05 -9.86 -10.96
CA ASN A 103 -1.39 -9.17 -9.73
C ASN A 103 -2.91 -9.11 -9.61
N ARG A 104 -3.42 -9.45 -8.42
CA ARG A 104 -4.88 -9.47 -8.25
C ARG A 104 -5.47 -8.07 -8.32
N GLY A 105 -4.91 -7.13 -7.56
CA GLY A 105 -5.50 -5.80 -7.50
C GLY A 105 -6.83 -5.84 -6.77
N ILE A 106 -7.85 -5.23 -7.38
CA ILE A 106 -9.20 -5.26 -6.81
C ILE A 106 -9.96 -6.52 -7.23
N LEU A 107 -9.35 -7.38 -8.03
CA LEU A 107 -9.99 -8.60 -8.48
C LEU A 107 -9.89 -9.68 -7.40
N PRO A 108 -10.85 -10.60 -7.32
CA PRO A 108 -10.78 -11.64 -6.30
C PRO A 108 -9.85 -12.79 -6.66
N CYS A 109 -9.38 -12.83 -7.90
CA CYS A 109 -8.43 -13.86 -8.33
C CYS A 109 -7.69 -13.34 -9.56
N LEU A 110 -6.73 -14.12 -10.03
CA LEU A 110 -5.92 -13.74 -11.17
C LEU A 110 -6.60 -14.10 -12.48
N LEU A 111 -6.26 -13.35 -13.52
CA LEU A 111 -6.72 -13.68 -14.86
C LEU A 111 -5.88 -14.87 -15.33
N ARG A 112 -6.47 -16.06 -15.30
CA ARG A 112 -5.73 -17.29 -15.56
C ARG A 112 -5.98 -17.86 -16.95
N HIS A 113 -7.23 -18.02 -17.34
CA HIS A 113 -7.58 -18.63 -18.62
C HIS A 113 -8.44 -17.63 -19.39
N CYS A 114 -8.19 -17.53 -20.70
CA CYS A 114 -8.96 -16.62 -21.53
C CYS A 114 -10.15 -17.35 -22.13
N CYS A 115 -11.31 -16.70 -22.14
CA CYS A 115 -12.46 -17.26 -22.83
C CYS A 115 -12.28 -16.97 -24.31
N THR A 116 -12.06 -18.01 -25.11
CA THR A 116 -11.81 -17.83 -26.53
C THR A 116 -13.11 -17.58 -27.30
N ARG A 117 -12.97 -16.86 -28.41
CA ARG A 117 -14.08 -16.67 -29.35
C ARG A 117 -14.29 -17.96 -30.15
N VAL A 118 -15.54 -18.20 -30.53
CA VAL A 118 -15.87 -19.43 -31.24
C VAL A 118 -15.28 -19.39 -32.64
N ALA A 119 -14.99 -20.58 -33.18
CA ALA A 119 -14.45 -20.72 -34.53
C ALA A 119 -15.61 -20.92 -35.50
N LEU A 120 -15.93 -19.87 -36.26
CA LEU A 120 -17.03 -19.94 -37.22
C LEU A 120 -16.63 -20.72 -38.46
N ARG B 15 15.67 -4.45 -24.29
CA ARG B 15 17.04 -4.22 -24.71
C ARG B 15 17.12 -3.13 -25.78
N THR B 16 16.04 -3.01 -26.56
CA THR B 16 15.96 -2.03 -27.63
C THR B 16 15.29 -0.73 -27.20
N GLN B 17 15.02 -0.56 -25.91
CA GLN B 17 14.32 0.61 -25.41
C GLN B 17 15.31 1.74 -25.10
N LEU B 18 14.82 2.98 -25.22
CA LEU B 18 15.70 4.13 -25.05
C LEU B 18 16.12 4.32 -23.60
N TRP B 19 15.31 3.87 -22.66
CA TRP B 19 15.61 4.06 -21.24
C TRP B 19 16.52 2.97 -20.68
N PHE B 20 16.80 1.93 -21.46
CA PHE B 20 17.66 0.85 -21.01
C PHE B 20 19.09 1.12 -21.47
N HIS B 21 20.03 1.12 -20.51
CA HIS B 21 21.41 1.45 -20.82
C HIS B 21 22.36 0.27 -20.62
N GLY B 22 21.84 -0.92 -20.36
CA GLY B 22 22.69 -2.10 -20.26
C GLY B 22 23.46 -2.20 -18.97
N ARG B 23 24.71 -2.64 -19.06
CA ARG B 23 25.55 -2.89 -17.89
C ARG B 23 26.43 -1.68 -17.57
N ILE B 24 25.77 -0.54 -17.37
CA ILE B 24 26.45 0.65 -16.89
C ILE B 24 26.55 0.60 -15.38
N SER B 25 27.47 1.38 -14.83
CA SER B 25 27.73 1.33 -13.39
C SER B 25 26.74 2.23 -12.65
N ARG B 26 26.72 2.07 -11.32
CA ARG B 26 25.87 2.93 -10.50
C ARG B 26 26.32 4.38 -10.61
N GLU B 27 27.63 4.63 -10.65
CA GLU B 27 28.12 6.00 -10.74
C GLU B 27 27.86 6.58 -12.12
N GLU B 28 27.96 5.75 -13.17
CA GLU B 28 27.62 6.19 -14.52
C GLU B 28 26.14 6.58 -14.63
N SER B 29 25.27 5.85 -13.93
CA SER B 29 23.84 6.19 -13.94
C SER B 29 23.58 7.51 -13.21
N GLN B 30 24.30 7.75 -12.11
CA GLN B 30 24.18 9.03 -11.41
C GLN B 30 24.77 10.16 -12.23
N ARG B 31 25.79 9.86 -13.05
CA ARG B 31 26.38 10.88 -13.90
C ARG B 31 25.50 11.18 -15.11
N LEU B 32 24.90 10.14 -15.71
CA LEU B 32 24.04 10.36 -16.85
C LEU B 32 22.77 11.13 -16.46
N ILE B 33 22.18 10.79 -15.31
CA ILE B 33 20.97 11.47 -14.87
C ILE B 33 21.29 12.92 -14.51
N GLY B 34 22.42 13.14 -13.84
CA GLY B 34 22.83 14.50 -13.50
C GLY B 34 23.23 15.32 -14.70
N GLN B 35 23.74 14.66 -15.74
CA GLN B 35 24.12 15.37 -16.97
C GLN B 35 22.92 15.94 -17.69
N GLN B 36 21.76 15.29 -17.57
CA GLN B 36 20.54 15.73 -18.23
C GLN B 36 19.69 16.65 -17.36
N GLY B 37 20.19 17.01 -16.19
CA GLY B 37 19.42 17.83 -15.29
C GLY B 37 18.79 16.97 -14.22
N LEU B 38 18.73 17.49 -13.00
CA LEU B 38 18.20 16.71 -11.88
C LEU B 38 16.72 17.05 -11.66
N VAL B 39 15.92 16.75 -12.68
CA VAL B 39 14.48 16.98 -12.65
C VAL B 39 13.79 15.70 -12.20
N ASP B 40 12.78 15.86 -11.36
CA ASP B 40 12.03 14.72 -10.84
C ASP B 40 11.32 13.97 -11.97
N GLY B 41 11.50 12.65 -11.99
CA GLY B 41 10.91 11.79 -13.00
C GLY B 41 11.90 11.30 -14.04
N LEU B 42 13.10 11.86 -14.10
CA LEU B 42 14.10 11.38 -15.04
C LEU B 42 14.64 10.03 -14.57
N PHE B 43 14.69 9.06 -15.48
CA PHE B 43 14.99 7.69 -15.07
C PHE B 43 15.72 6.94 -16.18
N LEU B 44 16.32 5.83 -15.78
CA LEU B 44 16.87 4.84 -16.68
C LEU B 44 16.85 3.49 -15.98
N VAL B 45 16.99 2.43 -16.76
CA VAL B 45 17.07 1.07 -16.23
C VAL B 45 18.43 0.50 -16.62
N ARG B 46 19.12 -0.11 -15.66
CA ARG B 46 20.45 -0.63 -15.89
C ARG B 46 20.55 -2.05 -15.35
N GLU B 47 21.45 -2.82 -15.95
CA GLU B 47 21.82 -4.13 -15.43
C GLU B 47 22.76 -3.95 -14.25
N SER B 48 22.43 -4.58 -13.13
CA SER B 48 23.18 -4.37 -11.88
C SER B 48 24.53 -5.08 -11.96
N GLN B 49 25.60 -4.35 -11.65
CA GLN B 49 26.93 -4.96 -11.60
C GLN B 49 27.19 -5.65 -10.27
N ARG B 50 26.53 -5.17 -9.22
CA ARG B 50 26.55 -5.78 -7.87
C ARG B 50 25.75 -7.11 -7.80
N ASN B 51 24.55 -7.13 -8.37
CA ASN B 51 23.67 -8.34 -8.45
C ASN B 51 23.53 -8.62 -9.98
N PRO B 52 24.35 -9.49 -10.57
CA PRO B 52 24.35 -9.68 -12.04
C PRO B 52 23.04 -10.21 -12.61
N GLN B 53 22.23 -10.86 -11.78
CA GLN B 53 20.95 -11.39 -12.23
C GLN B 53 19.80 -10.40 -12.03
N GLY B 54 20.07 -9.27 -11.37
CA GLY B 54 19.06 -8.27 -11.11
C GLY B 54 19.25 -7.06 -12.01
N PHE B 55 18.27 -6.15 -11.91
CA PHE B 55 18.30 -4.89 -12.63
C PHE B 55 18.01 -3.77 -11.62
N VAL B 56 18.26 -2.54 -12.05
CA VAL B 56 18.10 -1.37 -11.19
C VAL B 56 17.36 -0.29 -11.96
N LEU B 57 16.37 0.32 -11.32
CA LEU B 57 15.69 1.50 -11.84
C LEU B 57 16.28 2.71 -11.14
N SER B 58 17.06 3.49 -11.88
CA SER B 58 17.69 4.69 -11.35
C SER B 58 16.79 5.89 -11.66
N LEU B 59 16.28 6.53 -10.61
CA LEU B 59 15.27 7.57 -10.73
C LEU B 59 15.71 8.81 -9.97
N CYS B 60 15.49 9.98 -10.55
CA CYS B 60 15.79 11.25 -9.91
C CYS B 60 14.56 11.72 -9.14
N HIS B 61 14.73 11.96 -7.85
CA HIS B 61 13.66 12.48 -7.01
C HIS B 61 14.26 13.40 -5.95
N LEU B 62 13.73 14.61 -5.86
CA LEU B 62 14.20 15.62 -4.90
C LEU B 62 15.68 15.94 -5.11
N GLN B 63 16.04 16.14 -6.37
CA GLN B 63 17.41 16.49 -6.76
C GLN B 63 18.41 15.46 -6.26
N LYS B 64 17.95 14.21 -6.12
CA LYS B 64 18.78 13.10 -5.66
C LYS B 64 18.48 11.87 -6.50
N VAL B 65 19.52 11.14 -6.86
CA VAL B 65 19.37 9.92 -7.66
C VAL B 65 19.17 8.73 -6.72
N LYS B 66 18.02 8.08 -6.85
CA LYS B 66 17.64 6.94 -6.04
C LYS B 66 17.66 5.68 -6.90
N HIS B 67 17.90 4.54 -6.26
CA HIS B 67 18.04 3.28 -6.97
C HIS B 67 17.07 2.25 -6.40
N TYR B 68 16.37 1.54 -7.27
CA TYR B 68 15.36 0.56 -6.88
C TYR B 68 15.69 -0.78 -7.50
N LEU B 69 15.96 -1.76 -6.64
CA LEU B 69 16.42 -3.07 -7.09
C LEU B 69 15.27 -3.87 -7.70
N ILE B 70 15.50 -4.39 -8.90
CA ILE B 70 14.53 -5.24 -9.59
C ILE B 70 15.10 -6.65 -9.60
N LEU B 71 14.47 -7.55 -8.85
CA LEU B 71 14.97 -8.91 -8.72
C LEU B 71 14.03 -9.89 -9.41
N PRO B 72 14.59 -10.89 -10.08
CA PRO B 72 13.76 -11.93 -10.69
C PRO B 72 13.41 -13.04 -9.72
N SER B 73 12.24 -13.64 -9.96
CA SER B 73 11.77 -14.76 -9.17
C SER B 73 10.87 -15.60 -10.07
N GLU B 74 10.45 -16.75 -9.57
CA GLU B 74 9.65 -17.66 -10.37
C GLU B 74 8.44 -18.10 -9.55
N GLU B 75 7.31 -18.24 -10.24
CA GLU B 75 6.06 -18.73 -9.66
C GLU B 75 5.45 -19.74 -10.62
N GLU B 76 5.33 -20.99 -10.18
CA GLU B 76 4.87 -22.08 -11.04
C GLU B 76 5.73 -22.19 -12.30
N GLY B 77 7.05 -22.02 -12.12
CA GLY B 77 8.06 -22.06 -13.16
C GLY B 77 7.96 -20.91 -14.16
N ARG B 78 7.13 -19.90 -13.85
CA ARG B 78 6.93 -18.73 -14.69
C ARG B 78 7.72 -17.56 -14.10
N LEU B 79 8.60 -16.98 -14.89
CA LEU B 79 9.50 -15.93 -14.43
C LEU B 79 8.81 -14.57 -14.38
N TYR B 80 9.07 -13.82 -13.30
CA TYR B 80 8.58 -12.46 -13.13
C TYR B 80 9.65 -11.63 -12.43
N PHE B 81 9.48 -10.31 -12.52
CA PHE B 81 10.37 -9.34 -11.87
C PHE B 81 9.58 -8.52 -10.86
N SER B 82 10.25 -8.11 -9.77
CA SER B 82 9.58 -7.38 -8.71
C SER B 82 10.57 -6.47 -7.98
N MET B 83 10.04 -5.36 -7.47
CA MET B 83 10.79 -4.43 -6.62
C MET B 83 10.32 -4.45 -5.17
N ASP B 84 9.37 -5.32 -4.82
CA ASP B 84 8.83 -5.35 -3.46
C ASP B 84 8.60 -6.79 -3.00
N ASP B 85 9.53 -7.68 -3.37
CA ASP B 85 9.54 -9.07 -2.92
C ASP B 85 8.27 -9.82 -3.33
N GLY B 86 7.76 -9.51 -4.52
CA GLY B 86 6.64 -10.24 -5.08
C GLY B 86 5.27 -9.65 -4.83
N GLN B 87 5.18 -8.51 -4.16
CA GLN B 87 3.89 -7.87 -3.97
C GLN B 87 3.34 -7.34 -5.29
N THR B 88 4.21 -6.79 -6.14
CA THR B 88 3.84 -6.34 -7.47
C THR B 88 4.79 -6.97 -8.48
N ARG B 89 4.23 -7.72 -9.42
CA ARG B 89 5.01 -8.54 -10.34
C ARG B 89 4.79 -8.12 -11.79
N PHE B 90 5.83 -8.30 -12.61
CA PHE B 90 5.80 -7.95 -14.02
C PHE B 90 6.55 -9.01 -14.82
N THR B 91 6.10 -9.21 -16.07
CA THR B 91 6.72 -10.22 -16.92
C THR B 91 8.10 -9.80 -17.40
N ASP B 92 8.27 -8.52 -17.74
CA ASP B 92 9.55 -8.00 -18.21
C ASP B 92 9.72 -6.58 -17.69
N LEU B 93 10.83 -5.94 -18.08
CA LEU B 93 11.10 -4.59 -17.62
C LEU B 93 10.24 -3.55 -18.33
N LEU B 94 9.86 -3.81 -19.59
CA LEU B 94 9.00 -2.86 -20.30
C LEU B 94 7.65 -2.73 -19.60
N GLN B 95 7.11 -3.84 -19.09
CA GLN B 95 5.85 -3.77 -18.37
C GLN B 95 6.00 -3.00 -17.07
N LEU B 96 7.12 -3.19 -16.38
CA LEU B 96 7.37 -2.47 -15.14
C LEU B 96 7.48 -0.96 -15.38
N VAL B 97 8.21 -0.55 -16.42
CA VAL B 97 8.41 0.86 -16.70
C VAL B 97 7.11 1.51 -17.13
N GLU B 98 6.41 0.89 -18.07
CA GLU B 98 5.16 1.44 -18.58
C GLU B 98 4.10 1.56 -17.48
N PHE B 99 4.07 0.61 -16.55
CA PHE B 99 3.13 0.72 -15.43
C PHE B 99 3.46 1.91 -14.54
N HIS B 100 4.75 2.10 -14.23
CA HIS B 100 5.13 3.16 -13.32
C HIS B 100 5.22 4.52 -13.99
N GLN B 101 5.01 4.60 -15.31
CA GLN B 101 4.80 5.90 -15.92
C GLN B 101 3.43 6.46 -15.59
N LEU B 102 2.49 5.60 -15.16
CA LEU B 102 1.14 6.02 -14.80
C LEU B 102 0.83 5.84 -13.32
N ASN B 103 1.48 4.91 -12.62
CA ASN B 103 1.22 4.61 -11.23
C ASN B 103 2.49 4.73 -10.41
N ARG B 104 2.40 5.37 -9.24
CA ARG B 104 3.57 5.53 -8.39
C ARG B 104 4.05 4.19 -7.85
N GLY B 105 3.15 3.41 -7.28
CA GLY B 105 3.55 2.15 -6.65
C GLY B 105 4.39 2.44 -5.41
N ILE B 106 5.52 1.75 -5.30
CA ILE B 106 6.43 2.01 -4.19
C ILE B 106 7.38 3.16 -4.47
N LEU B 107 7.29 3.75 -5.67
CA LEU B 107 8.16 4.86 -6.07
C LEU B 107 7.62 6.18 -5.53
N PRO B 108 8.51 7.15 -5.28
CA PRO B 108 8.06 8.45 -4.76
C PRO B 108 7.49 9.37 -5.81
N CYS B 109 7.63 9.06 -7.10
CA CYS B 109 7.06 9.89 -8.15
C CYS B 109 6.91 9.05 -9.41
N LEU B 110 6.35 9.66 -10.45
CA LEU B 110 6.13 8.98 -11.72
C LEU B 110 7.36 9.07 -12.61
N LEU B 111 7.50 8.06 -13.48
CA LEU B 111 8.54 8.02 -14.50
C LEU B 111 8.14 8.92 -15.66
N ARG B 112 8.79 10.08 -15.81
CA ARG B 112 8.38 11.06 -16.82
C ARG B 112 9.30 11.08 -18.02
N HIS B 113 10.61 11.28 -17.82
CA HIS B 113 11.59 11.42 -18.89
C HIS B 113 12.74 10.42 -18.69
N CYS B 114 13.26 9.90 -19.81
CA CYS B 114 14.35 8.93 -19.81
C CYS B 114 15.61 9.49 -20.47
N CYS B 115 16.76 8.93 -20.09
CA CYS B 115 18.03 9.27 -20.74
C CYS B 115 18.08 8.58 -22.09
N THR B 116 17.94 9.38 -23.15
CA THR B 116 17.96 8.86 -24.52
C THR B 116 19.37 8.58 -25.01
N ALA C 11 2.88 15.38 27.06
CA ALA C 11 3.91 15.00 26.10
C ALA C 11 5.03 14.21 26.78
N ALA C 12 4.73 13.69 27.97
CA ALA C 12 5.70 12.93 28.75
C ALA C 12 5.18 11.54 29.09
N ILE C 13 4.38 10.96 28.20
CA ILE C 13 3.82 9.63 28.45
C ILE C 13 4.88 8.55 28.31
N HIS C 14 5.81 8.73 27.36
CA HIS C 14 6.86 7.73 27.14
C HIS C 14 7.87 7.69 28.27
N ARG C 15 7.95 8.74 29.10
CA ARG C 15 9.00 8.82 30.10
C ARG C 15 8.90 7.70 31.13
N THR C 16 7.71 7.19 31.38
CA THR C 16 7.50 6.12 32.35
C THR C 16 7.45 4.73 31.71
N GLN C 17 7.76 4.61 30.43
CA GLN C 17 7.65 3.33 29.76
C GLN C 17 8.91 2.50 29.93
N LEU C 18 8.73 1.17 29.93
CA LEU C 18 9.83 0.27 30.24
C LEU C 18 10.88 0.27 29.14
N TRP C 19 10.49 0.56 27.91
CA TRP C 19 11.41 0.56 26.77
C TRP C 19 12.13 1.89 26.59
N PHE C 20 11.78 2.91 27.35
CA PHE C 20 12.40 4.22 27.25
C PHE C 20 13.54 4.32 28.26
N HIS C 21 14.73 4.65 27.76
CA HIS C 21 15.94 4.67 28.59
C HIS C 21 16.50 6.08 28.76
N GLY C 22 15.75 7.10 28.36
CA GLY C 22 16.17 8.47 28.59
C GLY C 22 17.27 8.90 27.63
N ARG C 23 18.23 9.65 28.15
CA ARG C 23 19.30 10.19 27.31
C ARG C 23 20.53 9.31 27.34
N ILE C 24 20.39 8.01 27.02
CA ILE C 24 21.57 7.19 26.88
C ILE C 24 22.14 7.35 25.47
N SER C 25 23.42 7.10 25.35
CA SER C 25 24.10 7.32 24.08
C SER C 25 23.94 6.10 23.18
N ARG C 26 24.37 6.27 21.94
CA ARG C 26 24.31 5.18 20.97
C ARG C 26 25.15 3.99 21.43
N GLU C 27 26.31 4.26 22.04
CA GLU C 27 27.17 3.17 22.51
C GLU C 27 26.59 2.48 23.74
N GLU C 28 25.98 3.22 24.65
CA GLU C 28 25.33 2.59 25.80
C GLU C 28 24.16 1.71 25.36
N SER C 29 23.43 2.13 24.32
CA SER C 29 22.31 1.34 23.84
C SER C 29 22.77 0.04 23.17
N GLN C 30 23.88 0.09 22.43
CA GLN C 30 24.42 -1.14 21.87
C GLN C 30 24.98 -2.05 22.96
N ARG C 31 25.45 -1.47 24.06
CA ARG C 31 25.97 -2.28 25.17
C ARG C 31 24.84 -2.90 25.97
N LEU C 32 23.75 -2.15 26.20
CA LEU C 32 22.61 -2.70 26.92
C LEU C 32 21.96 -3.84 26.12
N ILE C 33 21.84 -3.67 24.81
CA ILE C 33 21.21 -4.70 23.99
C ILE C 33 22.08 -5.95 23.93
N GLY C 34 23.39 -5.79 23.77
CA GLY C 34 24.26 -6.96 23.72
C GLY C 34 24.41 -7.66 25.05
N GLN C 35 24.35 -6.92 26.14
CA GLN C 35 24.41 -7.52 27.47
C GLN C 35 23.17 -8.33 27.81
N GLN C 36 22.02 -7.98 27.22
CA GLN C 36 20.75 -8.61 27.52
C GLN C 36 20.38 -9.74 26.56
N GLY C 37 21.36 -10.36 25.88
CA GLY C 37 21.15 -11.55 25.08
C GLY C 37 21.25 -11.40 23.56
N LEU C 38 21.21 -10.16 23.06
CA LEU C 38 21.21 -9.93 21.60
C LEU C 38 20.17 -10.79 20.90
N VAL C 39 18.93 -10.67 21.28
CA VAL C 39 17.82 -11.41 20.72
C VAL C 39 17.09 -10.56 19.69
N ASP C 40 16.65 -11.18 18.59
CA ASP C 40 15.86 -10.47 17.60
C ASP C 40 14.57 -9.97 18.24
N GLY C 41 14.31 -8.68 18.08
CA GLY C 41 13.14 -8.03 18.64
C GLY C 41 13.42 -7.22 19.88
N LEU C 42 14.59 -7.41 20.50
CA LEU C 42 14.94 -6.62 21.67
C LEU C 42 15.23 -5.19 21.25
N PHE C 43 14.63 -4.23 21.95
CA PHE C 43 14.65 -2.86 21.50
C PHE C 43 14.63 -1.93 22.70
N LEU C 44 14.97 -0.67 22.44
CA LEU C 44 14.78 0.40 23.39
C LEU C 44 14.61 1.69 22.61
N VAL C 45 14.06 2.70 23.26
CA VAL C 45 13.94 4.04 22.71
C VAL C 45 14.72 4.98 23.62
N ARG C 46 15.55 5.83 23.02
CA ARG C 46 16.39 6.75 23.76
C ARG C 46 16.25 8.14 23.18
N GLU C 47 16.48 9.14 24.02
CA GLU C 47 16.60 10.50 23.53
C GLU C 47 17.92 10.65 22.79
N SER C 48 17.86 11.19 21.57
CA SER C 48 19.05 11.26 20.76
C SER C 48 19.99 12.34 21.29
N GLN C 49 21.26 11.98 21.48
CA GLN C 49 22.25 12.96 21.90
C GLN C 49 22.81 13.75 20.71
N ARG C 50 22.73 13.20 19.50
CA ARG C 50 23.10 13.95 18.31
C ARG C 50 22.06 15.03 18.00
N ASN C 51 20.78 14.65 18.00
CA ASN C 51 19.68 15.58 17.77
C ASN C 51 18.84 15.71 19.03
N PRO C 52 18.91 16.84 19.74
CA PRO C 52 18.17 16.96 21.01
C PRO C 52 16.66 16.91 20.84
N GLN C 53 16.13 17.21 19.66
CA GLN C 53 14.69 17.19 19.45
C GLN C 53 14.17 15.85 18.95
N GLY C 54 15.06 14.92 18.58
CA GLY C 54 14.66 13.64 18.05
C GLY C 54 14.87 12.50 19.03
N PHE C 55 14.38 11.34 18.64
CA PHE C 55 14.57 10.10 19.39
C PHE C 55 15.07 9.02 18.44
N VAL C 56 15.54 7.92 19.03
CA VAL C 56 16.11 6.81 18.27
C VAL C 56 15.54 5.51 18.80
N LEU C 57 15.13 4.63 17.89
CA LEU C 57 14.71 3.28 18.22
C LEU C 57 15.88 2.33 17.94
N SER C 58 16.51 1.82 19.00
CA SER C 58 17.63 0.90 18.88
C SER C 58 17.10 -0.53 18.97
N LEU C 59 17.26 -1.28 17.89
CA LEU C 59 16.65 -2.60 17.74
C LEU C 59 17.70 -3.63 17.32
N CYS C 60 17.62 -4.83 17.89
CA CYS C 60 18.50 -5.93 17.55
C CYS C 60 17.87 -6.80 16.46
N HIS C 61 18.59 -6.99 15.36
CA HIS C 61 18.16 -7.86 14.27
C HIS C 61 19.39 -8.49 13.61
N LEU C 62 19.39 -9.81 13.46
CA LEU C 62 20.51 -10.54 12.87
C LEU C 62 21.80 -10.27 13.64
N GLN C 63 21.71 -10.28 14.95
CA GLN C 63 22.85 -10.04 15.84
C GLN C 63 23.51 -8.72 15.58
N LYS C 64 22.73 -7.77 15.07
CA LYS C 64 23.23 -6.44 14.79
C LYS C 64 22.32 -5.38 15.40
N VAL C 65 22.88 -4.40 16.10
CA VAL C 65 22.07 -3.34 16.68
C VAL C 65 21.85 -2.28 15.60
N LYS C 66 20.59 -2.03 15.24
CA LYS C 66 20.24 -1.04 14.24
C LYS C 66 19.56 0.14 14.92
N HIS C 67 19.70 1.32 14.31
CA HIS C 67 19.20 2.56 14.88
C HIS C 67 18.29 3.27 13.88
N TYR C 68 17.13 3.71 14.34
CA TYR C 68 16.14 4.35 13.49
C TYR C 68 15.77 5.70 14.08
N LEU C 69 16.07 6.77 13.33
CA LEU C 69 15.86 8.13 13.82
C LEU C 69 14.37 8.47 13.80
N ILE C 70 13.87 9.00 14.91
CA ILE C 70 12.49 9.43 15.04
C ILE C 70 12.49 10.95 15.16
N LEU C 71 11.95 11.64 14.14
CA LEU C 71 11.98 13.08 14.11
C LEU C 71 10.59 13.66 14.29
N PRO C 72 10.44 14.75 15.07
CA PRO C 72 9.14 15.40 15.20
C PRO C 72 8.85 16.42 14.10
N SER C 73 7.57 16.53 13.77
CA SER C 73 7.08 17.51 12.80
C SER C 73 5.62 17.79 13.12
N GLU C 74 5.06 18.80 12.45
CA GLU C 74 3.68 19.20 12.72
C GLU C 74 2.94 19.50 11.42
N GLU C 75 1.64 19.20 11.43
CA GLU C 75 0.72 19.59 10.36
C GLU C 75 -0.55 20.13 10.99
N GLU C 76 -0.97 21.31 10.58
CA GLU C 76 -2.18 21.96 11.09
C GLU C 76 -2.11 22.19 12.59
N GLY C 77 -0.90 22.36 13.13
CA GLY C 77 -0.70 22.69 14.53
C GLY C 77 -0.43 21.51 15.44
N ARG C 78 -0.80 20.30 15.03
CA ARG C 78 -0.66 19.12 15.87
C ARG C 78 0.66 18.40 15.60
N LEU C 79 1.35 18.07 16.69
CA LEU C 79 2.68 17.47 16.63
C LEU C 79 2.59 15.97 16.38
N TYR C 80 3.50 15.47 15.55
CA TYR C 80 3.61 14.03 15.29
C TYR C 80 5.07 13.63 15.19
N PHE C 81 5.31 12.32 15.31
CA PHE C 81 6.62 11.71 15.18
C PHE C 81 6.62 10.74 14.00
N SER C 82 7.75 10.67 13.31
CA SER C 82 7.85 9.85 12.11
C SER C 82 9.29 9.39 11.92
N MET C 83 9.44 8.20 11.33
CA MET C 83 10.73 7.67 10.91
C MET C 83 10.89 7.60 9.39
N ASP C 84 9.91 8.09 8.63
CA ASP C 84 9.98 7.99 7.17
C ASP C 84 9.52 9.29 6.54
N ASP C 85 9.91 10.41 7.16
CA ASP C 85 9.67 11.75 6.62
C ASP C 85 8.18 12.03 6.45
N GLY C 86 7.36 11.50 7.37
CA GLY C 86 5.95 11.81 7.38
C GLY C 86 5.05 10.84 6.65
N GLN C 87 5.60 9.77 6.06
CA GLN C 87 4.76 8.77 5.42
C GLN C 87 3.94 7.99 6.44
N THR C 88 4.52 7.70 7.60
CA THR C 88 3.82 7.05 8.70
C THR C 88 4.04 7.90 9.95
N ARG C 89 2.94 8.40 10.52
CA ARG C 89 3.01 9.38 11.59
C ARG C 89 2.32 8.82 12.84
N PHE C 90 2.81 9.26 14.00
CA PHE C 90 2.27 8.85 15.28
C PHE C 90 2.24 10.05 16.21
N THR C 91 1.24 10.07 17.11
CA THR C 91 1.09 11.23 17.99
C THR C 91 2.16 11.27 19.06
N ASP C 92 2.56 10.12 19.58
CA ASP C 92 3.60 10.05 20.61
C ASP C 92 4.45 8.82 20.36
N LEU C 93 5.44 8.62 21.23
CA LEU C 93 6.33 7.46 21.07
C LEU C 93 5.67 6.16 21.50
N LEU C 94 4.75 6.21 22.46
CA LEU C 94 4.07 4.99 22.86
C LEU C 94 3.25 4.42 21.71
N GLN C 95 2.59 5.28 20.94
CA GLN C 95 1.82 4.82 19.79
C GLN C 95 2.73 4.26 18.70
N LEU C 96 3.89 4.89 18.50
CA LEU C 96 4.83 4.38 17.51
C LEU C 96 5.33 2.99 17.88
N VAL C 97 5.66 2.79 19.16
CA VAL C 97 6.17 1.48 19.61
C VAL C 97 5.06 0.45 19.57
N GLU C 98 3.88 0.81 20.08
CA GLU C 98 2.75 -0.12 20.13
C GLU C 98 2.36 -0.58 18.73
N PHE C 99 2.45 0.32 17.74
CA PHE C 99 2.14 -0.06 16.36
C PHE C 99 3.16 -1.06 15.82
N HIS C 100 4.44 -0.83 16.08
CA HIS C 100 5.51 -1.65 15.54
C HIS C 100 5.73 -2.94 16.32
N GLN C 101 4.99 -3.12 17.42
CA GLN C 101 4.92 -4.42 18.07
C GLN C 101 4.07 -5.41 17.29
N LEU C 102 3.18 -4.90 16.42
CA LEU C 102 2.30 -5.74 15.62
C LEU C 102 2.57 -5.66 14.12
N ASN C 103 3.10 -4.53 13.65
CA ASN C 103 3.35 -4.30 12.23
C ASN C 103 4.81 -3.96 12.02
N ARG C 104 5.42 -4.59 11.00
CA ARG C 104 6.84 -4.35 10.75
C ARG C 104 7.08 -2.92 10.28
N GLY C 105 6.32 -2.47 9.29
CA GLY C 105 6.57 -1.15 8.73
C GLY C 105 7.90 -1.16 7.99
N ILE C 106 8.73 -0.16 8.26
CA ILE C 106 10.07 -0.10 7.68
C ILE C 106 11.08 -0.90 8.48
N LEU C 107 10.68 -1.51 9.60
CA LEU C 107 11.58 -2.27 10.45
C LEU C 107 11.79 -3.69 9.91
N PRO C 108 12.96 -4.28 10.19
CA PRO C 108 13.22 -5.64 9.69
C PRO C 108 12.56 -6.73 10.52
N CYS C 109 12.01 -6.41 11.69
CA CYS C 109 11.32 -7.37 12.53
C CYS C 109 10.39 -6.61 13.47
N LEU C 110 9.64 -7.35 14.26
CA LEU C 110 8.69 -6.77 15.19
C LEU C 110 9.38 -6.40 16.50
N LEU C 111 8.81 -5.41 17.19
CA LEU C 111 9.34 -5.04 18.48
C LEU C 111 8.79 -6.16 19.35
N ARG C 112 9.69 -6.85 20.03
CA ARG C 112 9.28 -7.98 20.87
C ARG C 112 9.55 -7.80 22.35
N HIS C 113 10.79 -7.49 22.72
CA HIS C 113 11.20 -7.44 24.12
C HIS C 113 11.76 -6.06 24.43
N CYS C 114 11.41 -5.53 25.60
CA CYS C 114 11.90 -4.23 26.01
C CYS C 114 13.18 -4.40 26.82
N CYS C 115 14.13 -3.49 26.60
CA CYS C 115 15.36 -3.49 27.37
C CYS C 115 15.10 -2.90 28.74
N THR C 116 15.44 -3.66 29.78
CA THR C 116 15.21 -3.18 31.14
C THR C 116 16.18 -2.04 31.42
N ARG C 117 15.69 -0.99 32.07
CA ARG C 117 16.48 0.20 32.31
C ARG C 117 17.70 -0.15 33.14
N VAL C 118 18.87 0.34 32.70
CA VAL C 118 20.14 0.10 33.37
C VAL C 118 20.40 -1.39 33.56
N ILE D 13 -12.68 -0.18 26.97
CA ILE D 13 -11.66 0.33 26.05
C ILE D 13 -12.18 1.54 25.28
N HIS D 14 -13.08 1.27 24.35
CA HIS D 14 -13.62 2.29 23.46
C HIS D 14 -14.98 2.82 23.90
N ARG D 15 -15.54 2.29 24.99
CA ARG D 15 -16.91 2.65 25.38
C ARG D 15 -17.00 4.11 25.83
N THR D 16 -15.91 4.66 26.36
CA THR D 16 -15.95 6.03 26.85
C THR D 16 -15.55 7.03 25.78
N GLN D 17 -15.33 6.58 24.56
CA GLN D 17 -14.87 7.49 23.53
C GLN D 17 -16.07 8.11 22.81
N LEU D 18 -15.92 9.35 22.38
CA LEU D 18 -17.02 10.08 21.78
C LEU D 18 -17.40 9.53 20.41
N TRP D 19 -16.45 8.91 19.71
CA TRP D 19 -16.72 8.42 18.37
C TRP D 19 -17.35 7.03 18.35
N PHE D 20 -17.47 6.36 19.48
CA PHE D 20 -18.05 5.03 19.57
C PHE D 20 -19.52 5.13 19.93
N HIS D 21 -20.38 4.51 19.11
CA HIS D 21 -21.82 4.61 19.27
C HIS D 21 -22.47 3.29 19.64
N GLY D 22 -21.69 2.25 19.93
CA GLY D 22 -22.29 0.99 20.35
C GLY D 22 -22.90 0.25 19.17
N ARG D 23 -24.05 -0.37 19.43
CA ARG D 23 -24.75 -1.25 18.48
C ARG D 23 -25.87 -0.49 17.76
N ILE D 24 -25.51 0.57 17.05
CA ILE D 24 -26.44 1.25 16.16
C ILE D 24 -26.39 0.59 14.78
N SER D 25 -27.45 0.82 13.99
CA SER D 25 -27.59 0.19 12.68
C SER D 25 -26.82 0.98 11.61
N ARG D 26 -26.70 0.36 10.43
CA ARG D 26 -26.03 1.02 9.31
C ARG D 26 -26.78 2.28 8.88
N GLU D 27 -28.11 2.22 8.84
CA GLU D 27 -28.88 3.39 8.43
C GLU D 27 -28.86 4.47 9.49
N GLU D 28 -28.84 4.08 10.77
CA GLU D 28 -28.71 5.06 11.84
C GLU D 28 -27.40 5.82 11.77
N SER D 29 -26.30 5.15 11.40
CA SER D 29 -25.01 5.83 11.27
C SER D 29 -25.02 6.78 10.08
N GLN D 30 -25.65 6.38 8.97
CA GLN D 30 -25.78 7.27 7.83
C GLN D 30 -26.67 8.46 8.16
N ARG D 31 -27.64 8.27 9.06
CA ARG D 31 -28.52 9.38 9.45
C ARG D 31 -27.81 10.32 10.42
N LEU D 32 -27.02 9.77 11.36
CA LEU D 32 -26.28 10.61 12.30
C LEU D 32 -25.24 11.44 11.56
N ILE D 33 -24.52 10.84 10.62
CA ILE D 33 -23.48 11.56 9.88
C ILE D 33 -24.09 12.61 8.96
N GLY D 34 -25.20 12.27 8.30
CA GLY D 34 -25.85 13.22 7.41
C GLY D 34 -26.46 14.40 8.15
N GLN D 35 -26.88 14.20 9.39
CA GLN D 35 -27.42 15.30 10.19
C GLN D 35 -26.37 16.34 10.50
N GLN D 36 -25.11 15.92 10.51
CA GLN D 36 -24.02 16.83 10.80
C GLN D 36 -23.49 17.53 9.57
N GLY D 37 -24.05 17.27 8.39
CA GLY D 37 -23.46 17.92 7.24
C GLY D 37 -22.44 16.97 6.65
N LEU D 38 -22.64 16.44 5.50
CA LEU D 38 -21.74 15.43 5.12
C LEU D 38 -20.41 16.03 4.83
N VAL D 39 -19.68 16.27 5.89
CA VAL D 39 -18.35 16.86 5.81
C VAL D 39 -17.32 15.74 5.73
N ASP D 40 -16.35 15.91 4.84
CA ASP D 40 -15.30 14.91 4.68
C ASP D 40 -14.46 14.80 5.94
N GLY D 41 -14.30 13.58 6.43
CA GLY D 41 -13.58 13.33 7.67
C GLY D 41 -14.48 12.99 8.84
N LEU D 42 -15.79 13.19 8.69
CA LEU D 42 -16.72 12.82 9.74
C LEU D 42 -16.66 11.31 9.86
N PHE D 43 -16.71 10.79 11.08
CA PHE D 43 -16.62 9.34 11.25
C PHE D 43 -17.22 8.93 12.58
N LEU D 44 -17.53 7.64 12.68
CA LEU D 44 -17.91 7.01 13.94
C LEU D 44 -17.58 5.52 13.84
N VAL D 45 -17.53 4.87 15.00
CA VAL D 45 -17.32 3.43 15.09
C VAL D 45 -18.53 2.79 15.76
N ARG D 46 -19.04 1.71 15.16
CA ARG D 46 -20.22 1.02 15.67
C ARG D 46 -19.97 -0.47 15.68
N GLU D 47 -20.68 -1.16 16.56
CA GLU D 47 -20.72 -2.62 16.54
C GLU D 47 -21.60 -3.10 15.40
N SER D 48 -21.07 -4.04 14.61
CA SER D 48 -21.80 -4.52 13.44
C SER D 48 -22.96 -5.43 13.86
N GLN D 49 -24.12 -5.16 13.29
CA GLN D 49 -25.28 -6.01 13.53
C GLN D 49 -25.27 -7.25 12.64
N ARG D 50 -24.55 -7.22 11.51
CA ARG D 50 -24.43 -8.39 10.66
C ARG D 50 -23.49 -9.42 11.28
N ASN D 51 -22.33 -8.97 11.75
CA ASN D 51 -21.34 -9.83 12.40
C ASN D 51 -21.22 -9.44 13.87
N PRO D 52 -21.72 -10.27 14.80
CA PRO D 52 -21.71 -9.86 16.21
C PRO D 52 -20.31 -9.68 16.78
N GLN D 53 -19.29 -10.28 16.16
CA GLN D 53 -17.92 -10.19 16.61
C GLN D 53 -17.14 -9.05 15.96
N GLY D 54 -17.71 -8.37 14.97
CA GLY D 54 -17.03 -7.32 14.25
C GLY D 54 -17.50 -5.92 14.61
N PHE D 55 -16.78 -4.94 14.06
CA PHE D 55 -17.12 -3.53 14.20
C PHE D 55 -17.07 -2.89 12.82
N VAL D 56 -17.60 -1.67 12.72
CA VAL D 56 -17.68 -0.95 11.46
C VAL D 56 -17.21 0.49 11.67
N LEU D 57 -16.35 0.97 10.78
CA LEU D 57 -15.94 2.38 10.75
C LEU D 57 -16.74 3.08 9.66
N SER D 58 -17.68 3.94 10.06
CA SER D 58 -18.51 4.69 9.12
C SER D 58 -17.89 6.06 8.89
N LEU D 59 -17.49 6.33 7.66
CA LEU D 59 -16.73 7.52 7.30
C LEU D 59 -17.41 8.24 6.14
N CYS D 60 -17.47 9.56 6.24
CA CYS D 60 -18.01 10.40 5.17
C CYS D 60 -16.89 10.85 4.24
N HIS D 61 -17.05 10.57 2.95
CA HIS D 61 -16.08 11.00 1.95
C HIS D 61 -16.80 11.30 0.64
N LEU D 62 -16.58 12.49 0.10
CA LEU D 62 -17.17 12.92 -1.17
C LEU D 62 -18.70 12.89 -1.11
N GLN D 63 -19.24 13.48 -0.06
CA GLN D 63 -20.68 13.59 0.17
C GLN D 63 -21.37 12.23 0.20
N LYS D 64 -20.63 11.19 0.58
CA LYS D 64 -21.15 9.83 0.65
C LYS D 64 -20.62 9.13 1.91
N VAL D 65 -21.49 8.41 2.58
CA VAL D 65 -21.14 7.67 3.80
C VAL D 65 -20.64 6.29 3.38
N LYS D 66 -19.39 5.99 3.72
CA LYS D 66 -18.74 4.74 3.40
C LYS D 66 -18.54 3.93 4.69
N HIS D 67 -18.53 2.60 4.55
CA HIS D 67 -18.46 1.71 5.71
C HIS D 67 -17.31 0.74 5.55
N TYR D 68 -16.51 0.60 6.61
CA TYR D 68 -15.30 -0.22 6.60
C TYR D 68 -15.35 -1.23 7.74
N LEU D 69 -15.37 -2.51 7.38
CA LEU D 69 -15.51 -3.60 8.36
C LEU D 69 -14.21 -3.83 9.12
N ILE D 70 -14.32 -3.90 10.45
CA ILE D 70 -13.21 -4.18 11.34
C ILE D 70 -13.42 -5.54 11.98
N LEU D 71 -12.56 -6.51 11.64
CA LEU D 71 -12.70 -7.90 12.08
C LEU D 71 -11.58 -8.29 13.06
N PRO D 72 -11.90 -9.07 14.09
CA PRO D 72 -10.85 -9.58 14.99
C PRO D 72 -10.19 -10.84 14.46
N SER D 73 -8.93 -11.00 14.83
CA SER D 73 -8.16 -12.18 14.44
C SER D 73 -7.08 -12.44 15.49
N GLU D 74 -6.38 -13.56 15.32
CA GLU D 74 -5.36 -14.01 16.25
C GLU D 74 -4.10 -14.40 15.49
N GLU D 75 -3.08 -14.82 16.23
CA GLU D 75 -1.83 -15.28 15.65
C GLU D 75 -1.40 -16.63 16.23
N ARG D 78 -2.91 -13.71 21.11
CA ARG D 78 -2.56 -12.43 20.49
C ARG D 78 -3.70 -11.90 19.62
N LEU D 79 -4.66 -11.24 20.24
CA LEU D 79 -5.83 -10.73 19.52
C LEU D 79 -5.50 -9.37 18.91
N TYR D 80 -5.93 -9.18 17.67
CA TYR D 80 -5.77 -7.90 16.98
C TYR D 80 -6.99 -7.62 16.11
N PHE D 81 -7.13 -6.36 15.73
CA PHE D 81 -8.20 -5.92 14.85
C PHE D 81 -7.61 -5.36 13.56
N SER D 82 -8.29 -5.59 12.45
CA SER D 82 -7.77 -5.21 11.14
C SER D 82 -8.91 -4.93 10.18
N MET D 83 -8.66 -4.04 9.22
CA MET D 83 -9.60 -3.81 8.14
C MET D 83 -9.10 -4.32 6.79
N ASP D 84 -7.94 -5.00 6.74
CA ASP D 84 -7.35 -5.43 5.48
C ASP D 84 -6.76 -6.84 5.59
N ASP D 85 -7.47 -7.72 6.31
CA ASP D 85 -7.09 -9.13 6.43
C ASP D 85 -5.70 -9.30 7.03
N GLY D 86 -5.35 -8.45 7.98
CA GLY D 86 -4.12 -8.59 8.72
C GLY D 86 -2.92 -7.83 8.16
N GLN D 87 -3.11 -7.07 7.07
CA GLN D 87 -2.00 -6.28 6.56
C GLN D 87 -1.63 -5.17 7.52
N THR D 88 -2.62 -4.58 8.18
CA THR D 88 -2.41 -3.58 9.23
C THR D 88 -3.21 -4.02 10.45
N ARG D 89 -2.53 -4.22 11.57
CA ARG D 89 -3.12 -4.79 12.76
C ARG D 89 -3.07 -3.81 13.93
N PHE D 90 -4.08 -3.89 14.79
CA PHE D 90 -4.20 -3.01 15.94
C PHE D 90 -4.71 -3.81 17.14
N THR D 91 -4.26 -3.44 18.34
CA THR D 91 -4.65 -4.18 19.54
C THR D 91 -6.09 -3.90 19.92
N ASP D 92 -6.55 -2.65 19.77
CA ASP D 92 -7.91 -2.27 20.12
C ASP D 92 -8.42 -1.27 19.10
N LEU D 93 -9.66 -0.81 19.30
CA LEU D 93 -10.26 0.13 18.35
C LEU D 93 -9.72 1.55 18.52
N LEU D 94 -9.35 1.93 19.74
CA LEU D 94 -8.79 3.27 19.95
C LEU D 94 -7.49 3.46 19.17
N GLN D 95 -6.66 2.41 19.12
CA GLN D 95 -5.42 2.48 18.35
C GLN D 95 -5.70 2.61 16.86
N LEU D 96 -6.71 1.90 16.37
CA LEU D 96 -7.08 2.00 14.95
C LEU D 96 -7.55 3.40 14.59
N VAL D 97 -8.37 4.01 15.45
CA VAL D 97 -8.92 5.33 15.14
C VAL D 97 -7.82 6.39 15.20
N GLU D 98 -7.03 6.40 16.27
CA GLU D 98 -5.97 7.40 16.42
C GLU D 98 -4.92 7.28 15.32
N PHE D 99 -4.61 6.05 14.90
CA PHE D 99 -3.66 5.87 13.80
C PHE D 99 -4.19 6.48 12.51
N HIS D 100 -5.47 6.27 12.22
CA HIS D 100 -6.07 6.77 11.00
C HIS D 100 -6.51 8.22 11.09
N GLN D 101 -6.36 8.85 12.26
CA GLN D 101 -6.49 10.30 12.34
C GLN D 101 -5.29 11.02 11.72
N LEU D 102 -4.16 10.33 11.60
CA LEU D 102 -2.95 10.88 11.00
C LEU D 102 -2.53 10.20 9.71
N ASN D 103 -2.85 8.92 9.54
CA ASN D 103 -2.45 8.15 8.37
C ASN D 103 -3.68 7.61 7.68
N ARG D 104 -3.74 7.78 6.36
CA ARG D 104 -4.90 7.32 5.59
C ARG D 104 -5.00 5.80 5.58
N GLY D 105 -3.89 5.12 5.26
CA GLY D 105 -3.97 3.68 5.13
C GLY D 105 -4.77 3.31 3.91
N ILE D 106 -5.73 2.38 4.07
CA ILE D 106 -6.62 2.02 2.97
C ILE D 106 -7.81 2.95 2.86
N LEU D 107 -7.91 3.96 3.73
CA LEU D 107 -9.01 4.92 3.73
C LEU D 107 -8.76 6.01 2.69
N PRO D 108 -9.83 6.58 2.12
CA PRO D 108 -9.64 7.63 1.11
C PRO D 108 -9.34 9.00 1.69
N CYS D 109 -9.49 9.18 3.00
CA CYS D 109 -9.16 10.44 3.66
C CYS D 109 -8.93 10.14 5.15
N LEU D 110 -8.57 11.18 5.89
CA LEU D 110 -8.26 11.03 7.30
C LEU D 110 -9.52 11.09 8.15
N LEU D 111 -9.47 10.42 9.30
CA LEU D 111 -10.55 10.54 10.28
C LEU D 111 -10.37 11.88 10.96
N ARG D 112 -11.19 12.86 10.58
CA ARG D 112 -10.99 14.25 10.98
C ARG D 112 -11.91 14.72 12.09
N HIS D 113 -13.22 14.52 11.94
CA HIS D 113 -14.21 15.02 12.87
C HIS D 113 -14.97 13.85 13.46
N CYS D 114 -15.25 13.91 14.76
CA CYS D 114 -15.99 12.84 15.41
C CYS D 114 -17.48 13.16 15.34
N CYS D 115 -18.27 12.11 15.11
CA CYS D 115 -19.71 12.24 15.04
C CYS D 115 -20.31 12.41 16.42
N THR D 116 -21.20 13.39 16.56
CA THR D 116 -21.80 13.68 17.86
C THR D 116 -22.73 12.55 18.27
N ARG D 117 -22.55 12.07 19.50
CA ARG D 117 -23.35 10.99 20.03
C ARG D 117 -24.80 11.43 20.25
N LYS E 1 -17.39 2.56 -6.46
CA LYS E 1 -18.44 1.62 -6.83
C LYS E 1 -19.32 2.13 -7.96
N PHE E 2 -19.83 1.18 -8.75
CA PHE E 2 -20.65 1.47 -9.92
C PHE E 2 -21.83 0.50 -9.92
N GLU E 3 -23.04 1.03 -10.02
CA GLU E 3 -24.24 0.21 -9.97
C GLU E 3 -24.25 -0.82 -11.11
N GLY E 4 -24.42 -2.08 -10.75
CA GLY E 4 -24.50 -3.15 -11.73
C GLY E 4 -23.21 -3.94 -11.86
N 1PA E 5 -22.17 -3.48 -11.20
CA 1PA E 5 -20.83 -3.92 -11.39
CB 1PA E 5 -20.06 -2.86 -12.14
CG 1PA E 5 -20.51 -2.74 -13.57
CD1 1PA E 5 -21.41 -1.76 -13.93
CE1 1PA E 5 -21.83 -1.64 -15.25
CD2 1PA E 5 -20.02 -3.62 -14.53
CE2 1PA E 5 -20.44 -3.51 -15.85
CZ 1PA E 5 -21.35 -2.52 -16.21
CH 1PA E 5 -21.81 -2.38 -17.64
CO 1PA E 5 -21.99 -3.71 -18.34
O1 1PA E 5 -22.33 -4.74 -17.69
O2 1PA E 5 -21.83 -3.79 -19.59
C 1PA E 5 -20.20 -4.25 -10.06
O 1PA E 5 -20.71 -3.87 -9.02
N ASP E 6 -19.22 -5.12 -10.04
CA ASP E 6 -18.64 -5.72 -8.84
C ASP E 6 -17.41 -4.95 -8.38
N ASN E 7 -17.17 -3.80 -9.01
CA ASN E 7 -16.03 -2.97 -8.63
C ASN E 7 -16.16 -2.53 -7.18
N GLU E 8 -15.03 -2.57 -6.45
CA GLU E 8 -14.99 -2.06 -5.09
C GLU E 8 -13.62 -1.49 -4.76
O10 48V E 9 -15.78 1.26 -7.05
N01 48V E 9 -13.08 -0.42 -5.32
C02 48V E 9 -12.13 0.73 -5.39
C03 48V E 9 -11.88 1.25 -3.93
O04 48V E 9 -12.76 1.13 -3.07
N05 48V E 9 -10.70 1.78 -3.68
C06 48V E 9 -12.77 1.82 -6.30
S07 48V E 9 -13.76 3.03 -5.40
C08 48V E 9 -15.13 3.53 -6.47
C09 48V E 9 -16.10 2.33 -6.60
N LYS F 1 13.05 -4.66 1.62
CA LYS F 1 14.19 -3.79 1.86
C LYS F 1 15.40 -4.47 1.26
N PHE F 2 16.33 -3.68 0.71
CA PHE F 2 17.55 -4.21 0.12
C PHE F 2 18.70 -3.28 0.45
N GLU F 3 19.77 -3.83 1.03
CA GLU F 3 20.90 -3.02 1.45
C GLU F 3 21.53 -2.32 0.26
N GLY F 4 21.61 -1.00 0.33
CA GLY F 4 22.22 -0.20 -0.72
C GLY F 4 21.24 0.43 -1.68
N 1PA F 5 19.95 0.23 -1.46
CA 1PA F 5 18.90 0.53 -2.39
CB 1PA F 5 18.45 -0.74 -3.07
CG 1PA F 5 19.48 -1.27 -4.05
CD1 1PA F 5 20.44 -2.17 -3.63
CE1 1PA F 5 21.38 -2.66 -4.52
CD2 1PA F 5 19.46 -0.84 -5.37
CE2 1PA F 5 20.41 -1.33 -6.27
CZ 1PA F 5 21.38 -2.23 -5.84
CH 1PA F 5 22.41 -2.77 -6.80
CO 1PA F 5 23.07 -1.73 -7.69
O1 1PA F 5 23.64 -2.10 -8.75
O2 1PA F 5 23.07 -0.51 -7.37
C 1PA F 5 17.76 1.21 -1.67
O 1PA F 5 17.69 1.20 -0.45
N ASP F 6 16.94 1.97 -2.38
CA ASP F 6 15.92 2.85 -1.82
C ASP F 6 14.56 2.17 -1.72
N ASN F 7 14.51 0.87 -2.00
CA ASN F 7 13.24 0.15 -1.94
C ASN F 7 12.63 0.17 -0.55
N GLU F 8 11.31 0.37 -0.49
CA GLU F 8 10.58 0.26 0.75
C GLU F 8 9.15 -0.23 0.47
O10 48V F 9 12.19 -3.06 0.50
N01 48V F 9 9.25 -1.53 0.30
C02 48V F 9 8.30 -2.67 0.39
C03 48V F 9 6.95 -2.11 1.04
O04 48V F 9 6.86 -1.98 2.26
N05 48V F 9 5.97 -1.78 0.21
C06 48V F 9 8.99 -3.80 1.24
S07 48V F 9 9.52 -5.21 0.21
C08 48V F 9 11.35 -5.27 0.02
C09 48V F 9 12.02 -4.16 0.87
N LYS G 1 16.04 8.75 4.09
CA LYS G 1 17.32 8.36 4.68
C LYS G 1 17.96 9.44 5.53
N PHE G 2 18.69 9.00 6.56
CA PHE G 2 19.33 9.88 7.51
C PHE G 2 20.74 9.38 7.80
N GLU G 3 21.72 10.25 7.71
CA GLU G 3 23.10 9.87 7.92
C GLU G 3 23.39 9.34 9.32
N GLY G 4 23.88 8.15 9.36
CA GLY G 4 24.17 7.52 10.63
C GLY G 4 23.12 6.51 11.04
N 1PA G 5 22.04 6.45 10.28
CA 1PA G 5 20.91 5.72 10.76
CB 1PA G 5 19.81 6.68 11.12
CG 1PA G 5 20.10 7.46 12.39
CD1 1PA G 5 19.76 6.93 13.62
CE1 1PA G 5 20.03 7.63 14.78
CD2 1PA G 5 20.72 8.69 12.31
CE2 1PA G 5 21.00 9.40 13.46
CZ 1PA G 5 20.65 8.87 14.70
CH 1PA G 5 20.96 9.67 15.95
CO 1PA G 5 21.61 8.85 17.04
O1 1PA G 5 22.40 7.92 16.76
O2 1PA G 5 21.36 9.11 18.25
C 1PA G 5 20.46 4.73 9.72
O 1PA G 5 20.88 4.79 8.57
N ASP G 6 19.77 3.68 10.11
CA ASP G 6 19.40 2.51 9.33
C ASP G 6 18.04 2.69 8.65
N ASN G 7 17.51 3.91 8.73
CA ASN G 7 16.23 4.20 8.11
C ASN G 7 16.32 4.04 6.60
N GLU G 8 15.26 3.48 6.01
CA GLU G 8 15.17 3.36 4.56
C GLU G 8 13.72 3.44 4.07
O10 48V G 9 14.81 7.31 5.12
N01 48V G 9 13.18 4.65 4.06
C02 48V G 9 11.79 5.16 3.96
C03 48V G 9 11.26 4.86 2.51
O04 48V G 9 12.04 4.53 1.63
N05 48V G 9 9.96 5.01 2.30
C06 48V G 9 11.81 6.68 4.29
S07 48V G 9 12.56 7.67 2.98
C08 48V G 9 13.60 8.94 3.76
C09 48V G 9 14.85 8.21 4.33
N LYS H 1 -11.28 -7.68 0.57
CA LYS H 1 -12.59 -7.19 0.17
C LYS H 1 -13.65 -7.87 1.03
N PHE H 2 -14.72 -7.15 1.34
CA PHE H 2 -15.80 -7.70 2.16
C PHE H 2 -17.14 -7.28 1.58
N GLU H 3 -18.01 -8.26 1.35
CA GLU H 3 -19.31 -8.00 0.72
C GLU H 3 -20.12 -7.03 1.56
N GLY H 4 -20.52 -5.92 0.95
CA GLY H 4 -21.34 -4.94 1.61
C GLY H 4 -20.57 -3.73 2.13
N 1PA H 5 -19.25 -3.77 2.05
CA 1PA H 5 -18.43 -2.80 2.71
CB 1PA H 5 -17.68 -3.46 3.84
CG 1PA H 5 -18.56 -3.87 5.00
CD1 1PA H 5 -19.09 -5.16 5.06
CE1 1PA H 5 -19.89 -5.53 6.12
CD2 1PA H 5 -18.84 -2.97 6.02
CE2 1PA H 5 -19.65 -3.34 7.08
CZ 1PA H 5 -20.17 -4.63 7.13
CH 1PA H 5 -21.05 -5.06 8.28
CO 1PA H 5 -22.07 -4.02 8.70
O1 1PA H 5 -22.57 -4.07 9.85
O2 1PA H 5 -22.42 -3.12 7.90
C 1PA H 5 -17.48 -2.19 1.70
O 1PA H 5 -17.43 -2.59 0.56
N ASP H 6 -16.85 -1.09 2.05
CA ASP H 6 -16.05 -0.25 1.16
C ASP H 6 -14.57 -0.59 1.26
N ASN H 7 -14.26 -1.65 2.00
CA ASN H 7 -12.87 -2.08 2.17
C ASN H 7 -12.24 -2.48 0.83
N GLU H 8 -10.97 -2.10 0.67
CA GLU H 8 -10.19 -2.54 -0.49
C GLU H 8 -8.72 -2.70 -0.11
O10 48V H 9 -10.73 -5.61 0.85
N01 48V H 9 -8.11 -3.75 0.40
C02 48V H 9 -6.70 -4.00 0.86
C03 48V H 9 -5.74 -3.73 -0.36
O04 48V H 9 -6.18 -3.75 -1.50
N05 48V H 9 -4.48 -3.49 -0.07
C06 48V H 9 -6.57 -5.48 1.34
S07 48V H 9 -8.07 -6.12 2.10
C08 48V H 9 -8.91 -7.18 0.90
C09 48V H 9 -10.39 -6.75 0.90
K K I . 30.27 0.32 -9.09
#